data_1OBT
#
_entry.id   1OBT
#
_cell.length_a   68.650
_cell.length_b   68.650
_cell.length_c   141.100
_cell.angle_alpha   90.00
_cell.angle_beta   90.00
_cell.angle_gamma   90.00
#
_symmetry.space_group_name_H-M   'P 41 21 2'
#
loop_
_entity.id
_entity.type
_entity.pdbx_description
1 polymer 'RICIN A CHAIN'
2 non-polymer 'ADENOSINE MONOPHOSPHATE'
3 water water
#
_entity_poly.entity_id   1
_entity_poly.type   'polypeptide(L)'
_entity_poly.pdbx_seq_one_letter_code
;IFPKQYPIINFTTAGATVQSYTNFIRAVRGRLTTGADVRHEIPVLPNRVGLPINQRFILVELSNHAELSVTLALDVTNAY
VVGYRAGNSAYFFHPDNQEDAEAITHLFTDVQNRYTFAFGGNYDRLEQLAGNLRENIELGNGPLEEAISALYYYSTGGTQ
LPTLARSFIICIQMISEAAHFQYIEGEMRTRIRYNRRSAPDPSVITLENSWGRLSTAIQESNQGAFASPIQLQRRNGSKF
SVYDVSILIPIIALMVYRCAPPPSSQF
;
_entity_poly.pdbx_strand_id   A
#
loop_
_chem_comp.id
_chem_comp.type
_chem_comp.name
_chem_comp.formula
AMP non-polymer 'ADENOSINE MONOPHOSPHATE' 'C10 H14 N5 O7 P'
#
# COMPACT_ATOMS: atom_id res chain seq x y z
N TYR A 6 17.75 4.40 -4.21
CA TYR A 6 16.97 3.45 -3.46
C TYR A 6 16.60 2.43 -4.55
N PRO A 7 16.19 1.19 -4.29
CA PRO A 7 15.60 0.27 -5.28
C PRO A 7 14.42 0.96 -5.94
N ILE A 8 14.21 0.74 -7.22
CA ILE A 8 13.08 1.32 -7.94
C ILE A 8 12.47 0.15 -8.68
N ILE A 9 11.15 0.02 -8.70
CA ILE A 9 10.52 -1.03 -9.46
C ILE A 9 9.59 -0.35 -10.44
N ASN A 10 9.60 -0.78 -11.69
CA ASN A 10 8.82 -0.17 -12.74
C ASN A 10 7.58 -0.98 -13.02
N PHE A 11 6.46 -0.35 -13.38
CA PHE A 11 5.24 -1.06 -13.80
C PHE A 11 4.50 -0.05 -14.64
N THR A 12 3.95 -0.55 -15.73
CA THR A 12 3.14 0.29 -16.60
C THR A 12 1.77 -0.36 -16.67
N THR A 13 0.76 0.49 -16.67
CA THR A 13 -0.61 0.08 -16.82
C THR A 13 -0.87 -0.20 -18.28
N ALA A 14 -0.02 0.29 -19.20
CA ALA A 14 -0.23 0.09 -20.62
C ALA A 14 0.03 -1.38 -20.98
N GLY A 15 -1.06 -2.01 -21.37
CA GLY A 15 -1.03 -3.43 -21.71
C GLY A 15 -0.78 -4.31 -20.49
N ALA A 16 -1.13 -3.91 -19.27
CA ALA A 16 -0.92 -4.79 -18.12
C ALA A 16 -1.71 -6.08 -18.27
N THR A 17 -1.17 -7.20 -17.82
CA THR A 17 -1.85 -8.49 -17.89
C THR A 17 -1.84 -9.05 -16.46
N VAL A 18 -2.49 -10.17 -16.09
CA VAL A 18 -2.35 -10.63 -14.71
C VAL A 18 -0.89 -10.99 -14.43
N GLN A 19 -0.07 -11.52 -15.35
CA GLN A 19 1.30 -11.86 -15.03
C GLN A 19 2.19 -10.66 -14.90
N SER A 20 2.09 -9.57 -15.67
CA SER A 20 2.98 -8.43 -15.43
C SER A 20 2.64 -7.74 -14.11
N TYR A 21 1.35 -7.66 -13.76
CA TYR A 21 0.94 -7.16 -12.47
C TYR A 21 1.48 -8.13 -11.40
N THR A 22 1.33 -9.45 -11.52
CA THR A 22 1.80 -10.36 -10.49
C THR A 22 3.32 -10.20 -10.28
N ASN A 23 4.06 -10.10 -11.39
CA ASN A 23 5.50 -9.87 -11.34
C ASN A 23 5.83 -8.59 -10.60
N PHE A 24 5.05 -7.54 -10.81
CA PHE A 24 5.29 -6.29 -10.15
C PHE A 24 5.10 -6.47 -8.66
N ILE A 25 3.98 -7.04 -8.20
CA ILE A 25 3.78 -7.20 -6.76
C ILE A 25 4.79 -8.17 -6.13
N ARG A 26 5.25 -9.25 -6.81
CA ARG A 26 6.30 -10.11 -6.26
C ARG A 26 7.59 -9.29 -6.09
N ALA A 27 7.93 -8.39 -7.03
CA ALA A 27 9.11 -7.57 -6.91
C ALA A 27 9.04 -6.57 -5.76
N VAL A 28 7.87 -6.00 -5.47
CA VAL A 28 7.74 -5.06 -4.36
C VAL A 28 7.92 -5.81 -3.03
N ARG A 29 7.31 -6.99 -2.90
CA ARG A 29 7.41 -7.77 -1.67
C ARG A 29 8.85 -8.18 -1.45
N GLY A 30 9.54 -8.51 -2.54
CA GLY A 30 10.93 -8.88 -2.53
C GLY A 30 11.85 -7.76 -2.06
N ARG A 31 11.49 -6.51 -2.30
CA ARG A 31 12.28 -5.37 -1.84
C ARG A 31 11.94 -5.02 -0.41
N LEU A 32 10.69 -5.20 0.00
CA LEU A 32 10.26 -4.83 1.33
C LEU A 32 10.84 -5.71 2.44
N THR A 33 10.98 -7.01 2.12
CA THR A 33 11.46 -8.04 3.01
C THR A 33 12.94 -8.41 2.88
N THR A 34 13.64 -8.76 3.96
CA THR A 34 15.05 -9.14 3.89
C THR A 34 15.20 -10.65 3.95
N GLY A 35 14.12 -11.37 4.34
CA GLY A 35 14.11 -12.80 4.52
C GLY A 35 14.51 -13.16 5.95
N ALA A 36 15.01 -12.22 6.74
CA ALA A 36 15.48 -12.49 8.07
C ALA A 36 14.46 -12.86 9.11
N ASP A 37 13.21 -12.44 8.91
CA ASP A 37 12.25 -12.61 9.97
C ASP A 37 10.95 -13.13 9.40
N VAL A 38 10.64 -14.39 9.68
CA VAL A 38 9.42 -15.03 9.20
C VAL A 38 8.80 -15.69 10.41
N ARG A 39 7.52 -15.46 10.71
CA ARG A 39 6.85 -16.04 11.86
C ARG A 39 5.60 -16.71 11.34
N HIS A 40 5.44 -18.00 11.60
CA HIS A 40 4.31 -18.82 11.17
C HIS A 40 4.10 -18.74 9.66
N GLU A 41 5.22 -18.82 8.95
CA GLU A 41 5.32 -18.73 7.50
C GLU A 41 5.05 -17.38 6.87
N ILE A 42 4.76 -16.32 7.66
CA ILE A 42 4.50 -15.00 7.14
C ILE A 42 5.71 -14.09 7.39
N PRO A 43 6.29 -13.44 6.39
CA PRO A 43 7.37 -12.48 6.57
C PRO A 43 6.97 -11.24 7.35
N VAL A 44 7.86 -10.79 8.23
CA VAL A 44 7.65 -9.60 9.02
C VAL A 44 8.55 -8.57 8.35
N LEU A 45 8.02 -7.35 8.24
CA LEU A 45 8.70 -6.20 7.67
C LEU A 45 9.78 -5.75 8.66
N PRO A 46 10.88 -5.10 8.26
CA PRO A 46 11.90 -4.53 9.16
C PRO A 46 11.39 -3.60 10.25
N ASN A 47 11.98 -3.66 11.42
CA ASN A 47 11.61 -2.80 12.53
C ASN A 47 12.16 -1.43 12.26
N ARG A 48 11.33 -0.41 12.48
CA ARG A 48 11.79 0.93 12.29
C ARG A 48 12.84 1.35 13.31
N VAL A 49 12.91 0.86 14.55
CA VAL A 49 13.97 1.36 15.42
C VAL A 49 15.26 0.60 15.09
N GLY A 50 16.21 1.38 14.58
CA GLY A 50 17.51 0.87 14.22
C GLY A 50 17.67 0.69 12.72
N LEU A 51 16.68 0.99 11.89
CA LEU A 51 16.86 0.82 10.48
C LEU A 51 17.59 2.07 9.99
N PRO A 52 18.65 1.95 9.20
CA PRO A 52 19.36 3.09 8.63
C PRO A 52 18.55 3.79 7.57
N ILE A 53 18.65 5.13 7.43
CA ILE A 53 17.87 5.87 6.43
C ILE A 53 18.11 5.33 5.04
N ASN A 54 19.32 4.83 4.77
CA ASN A 54 19.70 4.35 3.45
C ASN A 54 18.93 3.10 3.06
N GLN A 55 18.27 2.40 4.00
CA GLN A 55 17.47 1.24 3.66
C GLN A 55 15.99 1.48 4.03
N ARG A 56 15.58 2.74 4.23
CA ARG A 56 14.21 3.04 4.64
C ARG A 56 13.17 3.06 3.53
N PHE A 57 13.49 3.31 2.28
CA PHE A 57 12.44 3.45 1.27
C PHE A 57 12.75 2.65 0.01
N ILE A 58 11.73 2.27 -0.74
CA ILE A 58 11.95 1.74 -2.09
C ILE A 58 11.06 2.65 -2.94
N LEU A 59 11.32 2.75 -4.23
CA LEU A 59 10.56 3.65 -5.07
C LEU A 59 9.83 2.81 -6.08
N VAL A 60 8.65 3.22 -6.53
CA VAL A 60 7.88 2.49 -7.52
C VAL A 60 7.60 3.50 -8.61
N GLU A 61 7.99 3.20 -9.84
CA GLU A 61 7.86 4.08 -10.98
C GLU A 61 6.71 3.59 -11.85
N LEU A 62 5.65 4.37 -11.92
CA LEU A 62 4.47 3.96 -12.64
C LEU A 62 4.34 4.79 -13.89
N SER A 63 4.01 4.11 -14.98
CA SER A 63 3.77 4.75 -16.25
C SER A 63 2.41 4.30 -16.76
N ASN A 64 1.78 5.12 -17.58
CA ASN A 64 0.49 4.76 -18.12
C ASN A 64 0.44 4.81 -19.64
N HIS A 65 -0.70 4.48 -20.24
CA HIS A 65 -0.83 4.48 -21.69
C HIS A 65 -0.58 5.89 -22.23
N ALA A 66 -0.92 6.93 -21.47
CA ALA A 66 -0.61 8.27 -21.92
C ALA A 66 0.87 8.66 -21.80
N GLU A 67 1.80 7.73 -21.60
CA GLU A 67 3.23 8.00 -21.56
C GLU A 67 3.60 9.02 -20.49
N LEU A 68 2.84 9.10 -19.39
CA LEU A 68 3.16 9.92 -18.23
C LEU A 68 3.63 9.03 -17.08
N SER A 69 4.60 9.51 -16.28
CA SER A 69 5.13 8.80 -15.12
C SER A 69 5.10 9.62 -13.85
N VAL A 70 5.08 8.89 -12.73
CA VAL A 70 5.10 9.42 -11.39
C VAL A 70 5.91 8.38 -10.59
N THR A 71 6.66 8.72 -9.55
CA THR A 71 7.38 7.72 -8.76
C THR A 71 6.90 7.87 -7.33
N LEU A 72 6.36 6.81 -6.79
CA LEU A 72 5.92 6.83 -5.40
C LEU A 72 7.07 6.31 -4.50
N ALA A 73 7.19 6.87 -3.31
CA ALA A 73 8.15 6.41 -2.32
C ALA A 73 7.39 5.54 -1.35
N LEU A 74 7.78 4.29 -1.15
CA LEU A 74 7.12 3.43 -0.19
C LEU A 74 8.01 3.33 1.04
N ASP A 75 7.43 3.39 2.23
CA ASP A 75 8.16 3.21 3.48
C ASP A 75 8.30 1.70 3.64
N VAL A 76 9.50 1.18 3.85
CA VAL A 76 9.73 -0.26 3.97
C VAL A 76 9.27 -0.87 5.28
N THR A 77 9.02 -0.10 6.35
CA THR A 77 8.59 -0.66 7.62
C THR A 77 7.09 -0.96 7.61
N ASN A 78 6.33 -0.47 6.62
CA ASN A 78 4.90 -0.70 6.56
C ASN A 78 4.31 -0.77 5.16
N ALA A 79 5.14 -0.61 4.13
CA ALA A 79 4.81 -0.62 2.72
C ALA A 79 3.80 0.45 2.31
N TYR A 80 3.68 1.53 3.08
CA TYR A 80 2.75 2.60 2.76
C TYR A 80 3.38 3.69 1.93
N VAL A 81 2.57 4.37 1.12
CA VAL A 81 3.05 5.43 0.23
C VAL A 81 3.28 6.65 1.10
N VAL A 82 4.44 7.24 0.93
CA VAL A 82 4.85 8.34 1.77
C VAL A 82 4.88 9.68 1.07
N GLY A 83 5.13 9.67 -0.23
CA GLY A 83 5.20 10.87 -1.01
C GLY A 83 5.40 10.46 -2.44
N TYR A 84 5.53 11.39 -3.37
CA TYR A 84 5.66 11.05 -4.76
C TYR A 84 6.30 12.18 -5.50
N ARG A 85 6.79 11.86 -6.67
CA ARG A 85 7.51 12.77 -7.52
C ARG A 85 6.77 12.80 -8.84
N ALA A 86 6.56 13.96 -9.47
CA ALA A 86 5.99 14.06 -10.82
C ALA A 86 6.76 15.23 -11.42
N GLY A 87 7.71 14.84 -12.27
CA GLY A 87 8.64 15.78 -12.88
C GLY A 87 9.33 16.61 -11.81
N ASN A 88 9.16 17.93 -11.96
CA ASN A 88 9.86 18.95 -11.18
C ASN A 88 9.39 19.09 -9.72
N SER A 89 8.34 18.37 -9.35
CA SER A 89 7.79 18.51 -8.02
C SER A 89 7.67 17.20 -7.23
N ALA A 90 7.83 17.29 -5.92
CA ALA A 90 7.64 16.16 -5.05
C ALA A 90 6.64 16.61 -4.00
N TYR A 91 5.74 15.73 -3.61
CA TYR A 91 4.72 16.03 -2.63
C TYR A 91 4.84 14.96 -1.56
N PHE A 92 4.74 15.23 -0.26
CA PHE A 92 4.87 14.23 0.79
C PHE A 92 3.70 14.39 1.73
N PHE A 93 3.12 13.33 2.29
CA PHE A 93 2.06 13.49 3.26
C PHE A 93 2.61 14.05 4.55
N HIS A 94 1.74 14.61 5.37
CA HIS A 94 2.16 15.16 6.64
C HIS A 94 2.85 14.07 7.45
N PRO A 95 4.16 14.21 7.77
CA PRO A 95 4.91 13.31 8.63
C PRO A 95 4.27 13.46 9.99
N ASP A 96 4.03 12.36 10.67
CA ASP A 96 3.41 12.50 11.96
C ASP A 96 4.41 12.27 13.08
N ASN A 97 5.68 12.60 12.88
CA ASN A 97 6.69 12.57 13.92
C ASN A 97 7.97 13.07 13.33
N GLN A 98 8.82 13.54 14.23
CA GLN A 98 10.08 14.15 13.86
C GLN A 98 11.03 13.21 13.15
N GLU A 99 11.00 11.94 13.54
CA GLU A 99 11.86 10.94 12.93
C GLU A 99 11.56 10.78 11.43
N ASP A 100 10.26 10.76 11.11
CA ASP A 100 9.80 10.67 9.74
C ASP A 100 9.89 11.97 8.97
N ALA A 101 9.74 13.12 9.64
CA ALA A 101 9.97 14.43 9.03
C ALA A 101 11.41 14.48 8.51
N GLU A 102 12.35 14.07 9.36
CA GLU A 102 13.74 14.05 8.95
C GLU A 102 13.98 12.97 7.90
N ALA A 103 13.42 11.76 8.01
CA ALA A 103 13.70 10.73 7.02
C ALA A 103 13.31 11.10 5.58
N ILE A 104 12.15 11.73 5.37
CA ILE A 104 11.73 12.03 4.01
C ILE A 104 12.60 13.06 3.31
N THR A 105 13.52 13.77 3.97
CA THR A 105 14.43 14.69 3.28
C THR A 105 15.40 13.97 2.36
N HIS A 106 15.56 12.66 2.53
CA HIS A 106 16.50 11.87 1.73
C HIS A 106 15.87 11.40 0.43
N LEU A 107 14.59 11.72 0.23
CA LEU A 107 13.84 11.30 -0.95
C LEU A 107 13.71 12.41 -1.95
N PHE A 108 13.98 12.12 -3.22
CA PHE A 108 13.79 13.07 -4.33
C PHE A 108 14.52 14.36 -4.05
N THR A 109 15.78 14.23 -3.59
CA THR A 109 16.59 15.38 -3.24
C THR A 109 16.86 16.27 -4.45
N ASP A 110 16.94 15.64 -5.64
CA ASP A 110 17.21 16.33 -6.88
C ASP A 110 16.04 17.10 -7.48
N VAL A 111 14.89 17.14 -6.83
CA VAL A 111 13.75 17.81 -7.41
C VAL A 111 13.78 19.25 -6.91
N GLN A 112 13.25 20.13 -7.72
CA GLN A 112 13.31 21.55 -7.42
C GLN A 112 12.24 21.92 -6.41
N ASN A 113 10.97 21.64 -6.67
CA ASN A 113 9.95 22.08 -5.75
C ASN A 113 9.58 20.90 -4.88
N ARG A 114 9.62 21.00 -3.56
CA ARG A 114 9.25 19.89 -2.68
C ARG A 114 8.15 20.48 -1.83
N TYR A 115 7.03 19.76 -1.65
CA TYR A 115 5.90 20.22 -0.86
C TYR A 115 5.50 19.11 0.09
N THR A 116 4.97 19.48 1.23
CA THR A 116 4.50 18.51 2.18
C THR A 116 3.05 18.90 2.39
N PHE A 117 2.11 18.00 2.17
CA PHE A 117 0.71 18.28 2.41
C PHE A 117 0.46 18.40 3.92
N ALA A 118 -0.62 19.07 4.30
CA ALA A 118 -0.96 19.18 5.71
C ALA A 118 -1.65 17.95 6.18
N PHE A 119 -2.24 17.16 5.28
CA PHE A 119 -2.95 15.97 5.68
C PHE A 119 -2.07 14.71 5.59
N GLY A 120 -2.28 13.72 6.47
CA GLY A 120 -1.54 12.47 6.43
C GLY A 120 -2.12 11.59 5.33
N GLY A 121 -1.59 10.41 5.10
CA GLY A 121 -2.08 9.53 4.06
C GLY A 121 -3.00 8.41 4.49
N ASN A 122 -3.56 8.44 5.69
CA ASN A 122 -4.42 7.34 6.11
C ASN A 122 -5.79 7.41 5.46
N TYR A 123 -6.51 6.29 5.35
CA TYR A 123 -7.78 6.24 4.62
C TYR A 123 -8.82 7.25 5.01
N ASP A 124 -9.15 7.48 6.28
CA ASP A 124 -10.20 8.44 6.63
C ASP A 124 -10.05 9.87 6.16
N ARG A 125 -8.82 10.39 6.23
CA ARG A 125 -8.56 11.76 5.84
C ARG A 125 -8.80 11.76 4.34
N LEU A 126 -8.18 10.81 3.66
CA LEU A 126 -8.26 10.67 2.24
C LEU A 126 -9.68 10.46 1.71
N GLU A 127 -10.57 9.80 2.44
CA GLU A 127 -11.96 9.64 2.01
C GLU A 127 -12.74 10.96 2.19
N GLN A 128 -12.48 11.70 3.31
CA GLN A 128 -13.07 13.00 3.59
C GLN A 128 -12.67 13.90 2.44
N LEU A 129 -11.38 14.04 2.15
CA LEU A 129 -10.94 14.91 1.09
C LEU A 129 -11.45 14.49 -0.27
N ALA A 130 -11.56 13.19 -0.52
CA ALA A 130 -12.04 12.66 -1.79
C ALA A 130 -13.53 12.84 -1.90
N GLY A 131 -14.20 13.10 -0.78
CA GLY A 131 -15.64 13.24 -0.78
C GLY A 131 -16.27 11.92 -1.14
N ASN A 132 -15.63 10.80 -0.77
CA ASN A 132 -16.15 9.49 -1.14
C ASN A 132 -15.47 8.39 -0.37
N LEU A 133 -16.11 7.23 -0.19
CA LEU A 133 -15.53 6.12 0.59
C LEU A 133 -14.90 5.04 -0.28
N ARG A 134 -14.03 4.16 0.24
CA ARG A 134 -13.45 3.05 -0.52
C ARG A 134 -14.52 2.19 -1.18
N GLU A 135 -15.61 1.97 -0.46
CA GLU A 135 -16.73 1.17 -0.97
C GLU A 135 -17.32 1.68 -2.27
N ASN A 136 -17.12 2.97 -2.58
CA ASN A 136 -17.63 3.53 -3.79
C ASN A 136 -16.52 3.83 -4.79
N ILE A 137 -15.23 3.62 -4.54
CA ILE A 137 -14.23 4.02 -5.53
C ILE A 137 -13.83 2.80 -6.34
N GLU A 138 -13.69 2.93 -7.65
CA GLU A 138 -13.41 1.80 -8.52
C GLU A 138 -11.97 1.42 -8.50
N LEU A 139 -11.62 0.15 -8.51
CA LEU A 139 -10.25 -0.26 -8.61
C LEU A 139 -10.16 -1.12 -9.86
N GLY A 140 -8.99 -1.13 -10.46
CA GLY A 140 -8.76 -1.90 -11.66
C GLY A 140 -7.67 -1.22 -12.45
N ASN A 141 -7.31 -1.78 -13.59
CA ASN A 141 -6.24 -1.23 -14.40
C ASN A 141 -6.58 0.14 -14.95
N GLY A 142 -7.86 0.37 -15.31
CA GLY A 142 -8.34 1.65 -15.82
C GLY A 142 -8.33 2.75 -14.76
N PRO A 143 -8.86 2.56 -13.54
CA PRO A 143 -8.67 3.48 -12.43
C PRO A 143 -7.21 3.76 -12.10
N LEU A 144 -6.30 2.76 -12.13
CA LEU A 144 -4.92 3.08 -11.86
C LEU A 144 -4.34 3.92 -13.02
N GLU A 145 -4.67 3.65 -14.27
CA GLU A 145 -4.27 4.42 -15.45
C GLU A 145 -4.57 5.91 -15.27
N GLU A 146 -5.81 6.14 -14.88
CA GLU A 146 -6.36 7.43 -14.58
C GLU A 146 -5.68 8.10 -13.41
N ALA A 147 -5.36 7.33 -12.38
CA ALA A 147 -4.73 7.86 -11.18
C ALA A 147 -3.35 8.39 -11.48
N ILE A 148 -2.61 7.71 -12.37
CA ILE A 148 -1.28 8.15 -12.77
C ILE A 148 -1.31 9.55 -13.39
N SER A 149 -2.30 9.81 -14.27
CA SER A 149 -2.56 11.09 -14.90
C SER A 149 -2.98 12.17 -13.92
N ALA A 150 -3.93 11.88 -13.03
CA ALA A 150 -4.38 12.84 -12.06
C ALA A 150 -3.21 13.30 -11.20
N LEU A 151 -2.49 12.34 -10.65
CA LEU A 151 -1.31 12.59 -9.83
C LEU A 151 -0.30 13.47 -10.56
N TYR A 152 0.00 13.12 -11.80
CA TYR A 152 0.91 13.88 -12.62
C TYR A 152 0.40 15.30 -12.93
N TYR A 153 -0.89 15.52 -13.13
CA TYR A 153 -1.34 16.85 -13.49
C TYR A 153 -1.66 17.74 -12.30
N TYR A 154 -1.44 17.19 -11.09
CA TYR A 154 -1.58 17.95 -9.86
C TYR A 154 -0.60 19.10 -9.93
N SER A 155 0.64 18.82 -10.31
CA SER A 155 1.68 19.83 -10.50
C SER A 155 1.12 21.15 -11.03
N THR A 156 0.54 21.03 -12.22
CA THR A 156 0.06 22.16 -12.98
C THR A 156 -1.42 22.49 -12.86
N GLY A 157 -2.03 22.50 -11.68
CA GLY A 157 -3.42 22.88 -11.55
C GLY A 157 -4.46 22.06 -12.29
N GLY A 158 -4.03 20.95 -12.95
CA GLY A 158 -4.89 20.10 -13.74
C GLY A 158 -5.74 19.23 -12.87
N THR A 159 -5.31 18.96 -11.64
CA THR A 159 -6.06 18.09 -10.76
C THR A 159 -6.45 18.78 -9.47
N GLN A 160 -7.73 18.67 -9.20
CA GLN A 160 -8.24 19.28 -7.99
C GLN A 160 -8.03 18.28 -6.84
N LEU A 161 -7.95 18.78 -5.60
CA LEU A 161 -7.67 17.96 -4.44
C LEU A 161 -8.58 16.77 -4.27
N PRO A 162 -9.90 16.78 -4.52
CA PRO A 162 -10.70 15.55 -4.47
C PRO A 162 -10.25 14.47 -5.46
N THR A 163 -9.82 14.79 -6.68
CA THR A 163 -9.36 13.77 -7.60
C THR A 163 -8.00 13.30 -7.12
N LEU A 164 -7.19 14.16 -6.48
CA LEU A 164 -5.87 13.79 -5.95
C LEU A 164 -6.02 12.73 -4.87
N ALA A 165 -6.90 13.00 -3.90
CA ALA A 165 -7.19 12.06 -2.83
C ALA A 165 -7.76 10.74 -3.36
N ARG A 166 -8.68 10.79 -4.32
CA ARG A 166 -9.22 9.59 -4.92
C ARG A 166 -8.16 8.78 -5.65
N SER A 167 -7.21 9.45 -6.30
CA SER A 167 -6.12 8.78 -6.97
C SER A 167 -5.15 8.19 -5.96
N PHE A 168 -4.99 8.81 -4.78
CA PHE A 168 -4.16 8.25 -3.73
C PHE A 168 -4.79 6.97 -3.17
N ILE A 169 -6.11 6.95 -2.93
CA ILE A 169 -6.78 5.75 -2.47
C ILE A 169 -6.59 4.58 -3.45
N ILE A 170 -6.75 4.77 -4.77
CA ILE A 170 -6.52 3.71 -5.75
C ILE A 170 -5.06 3.21 -5.73
N CYS A 171 -4.05 4.08 -5.79
CA CYS A 171 -2.66 3.68 -5.70
C CYS A 171 -2.34 2.88 -4.47
N ILE A 172 -2.87 3.26 -3.32
CA ILE A 172 -2.49 2.63 -2.09
C ILE A 172 -3.14 1.27 -2.02
N GLN A 173 -4.36 1.09 -2.50
CA GLN A 173 -4.95 -0.24 -2.45
C GLN A 173 -4.40 -1.17 -3.53
N MET A 174 -4.05 -0.64 -4.69
CA MET A 174 -3.48 -1.47 -5.72
C MET A 174 -2.01 -1.76 -5.56
N ILE A 175 -1.27 -1.01 -4.75
CA ILE A 175 0.13 -1.33 -4.54
C ILE A 175 0.39 -1.77 -3.12
N SER A 176 0.25 -0.91 -2.11
CA SER A 176 0.54 -1.23 -0.73
C SER A 176 -0.36 -2.32 -0.19
N GLU A 177 -1.65 -2.33 -0.48
CA GLU A 177 -2.49 -3.37 0.10
C GLU A 177 -2.39 -4.70 -0.58
N ALA A 178 -2.17 -4.71 -1.90
CA ALA A 178 -1.95 -5.92 -2.63
C ALA A 178 -0.63 -6.51 -2.14
N ALA A 179 0.42 -5.76 -1.87
CA ALA A 179 1.61 -6.33 -1.27
C ALA A 179 1.35 -6.85 0.16
N HIS A 180 0.52 -6.19 0.97
CA HIS A 180 0.24 -6.65 2.33
C HIS A 180 -0.52 -7.98 2.30
N PHE A 181 -1.31 -8.26 1.26
CA PHE A 181 -2.20 -9.40 1.26
C PHE A 181 -2.26 -10.18 -0.05
N GLN A 182 -1.92 -11.48 -0.11
CA GLN A 182 -2.12 -12.26 -1.33
C GLN A 182 -3.59 -12.17 -1.74
N TYR A 183 -4.52 -12.13 -0.79
CA TYR A 183 -5.92 -11.97 -1.08
C TYR A 183 -6.26 -10.72 -1.88
N ILE A 184 -5.73 -9.55 -1.57
CA ILE A 184 -6.12 -8.33 -2.25
C ILE A 184 -5.40 -8.32 -3.58
N GLU A 185 -4.21 -8.92 -3.68
CA GLU A 185 -3.55 -9.06 -4.95
C GLU A 185 -4.39 -9.94 -5.87
N GLY A 186 -5.03 -11.01 -5.37
CA GLY A 186 -5.89 -11.87 -6.18
C GLY A 186 -7.11 -11.12 -6.71
N GLU A 187 -7.65 -10.30 -5.81
CA GLU A 187 -8.75 -9.40 -6.11
C GLU A 187 -8.41 -8.49 -7.27
N MET A 188 -7.20 -7.93 -7.28
CA MET A 188 -6.78 -7.05 -8.35
C MET A 188 -6.51 -7.84 -9.63
N ARG A 189 -5.91 -9.02 -9.56
CA ARG A 189 -5.69 -9.87 -10.75
C ARG A 189 -6.99 -10.24 -11.45
N THR A 190 -8.08 -10.52 -10.74
CA THR A 190 -9.38 -10.81 -11.33
C THR A 190 -9.84 -9.60 -12.15
N ARG A 191 -9.77 -8.40 -11.56
CA ARG A 191 -10.15 -7.17 -12.24
C ARG A 191 -9.37 -7.01 -13.52
N ILE A 192 -8.07 -7.25 -13.51
CA ILE A 192 -7.27 -7.16 -14.73
C ILE A 192 -7.63 -8.29 -15.70
N ARG A 193 -7.80 -9.55 -15.29
CA ARG A 193 -8.09 -10.67 -16.18
C ARG A 193 -9.27 -10.36 -17.07
N TYR A 194 -10.38 -9.97 -16.45
CA TYR A 194 -11.62 -9.64 -17.15
C TYR A 194 -11.75 -8.16 -17.52
N ASN A 195 -10.69 -7.36 -17.33
CA ASN A 195 -10.66 -5.92 -17.50
C ASN A 195 -11.86 -5.23 -16.86
N ARG A 196 -12.21 -5.66 -15.68
CA ARG A 196 -13.28 -5.08 -14.94
C ARG A 196 -12.71 -4.01 -14.01
N ARG A 197 -13.62 -3.16 -13.56
CA ARG A 197 -13.29 -2.19 -12.55
C ARG A 197 -14.50 -2.28 -11.64
N SER A 198 -14.29 -2.44 -10.33
CA SER A 198 -15.38 -2.49 -9.39
C SER A 198 -14.80 -2.04 -8.07
N ALA A 199 -15.69 -1.45 -7.29
CA ALA A 199 -15.34 -0.99 -5.97
C ALA A 199 -14.96 -2.19 -5.09
N PRO A 200 -14.15 -2.08 -4.04
CA PRO A 200 -13.89 -3.20 -3.14
C PRO A 200 -15.07 -3.66 -2.28
N ASP A 201 -15.25 -4.98 -2.21
CA ASP A 201 -16.33 -5.50 -1.38
C ASP A 201 -15.92 -5.49 0.09
N PRO A 202 -16.78 -5.80 1.07
CA PRO A 202 -16.45 -5.86 2.49
C PRO A 202 -15.24 -6.66 2.90
N SER A 203 -14.94 -7.83 2.33
CA SER A 203 -13.78 -8.58 2.79
C SER A 203 -12.47 -7.82 2.56
N VAL A 204 -12.39 -7.07 1.46
CA VAL A 204 -11.21 -6.27 1.14
C VAL A 204 -11.02 -5.15 2.15
N ILE A 205 -12.05 -4.32 2.33
CA ILE A 205 -12.01 -3.17 3.24
C ILE A 205 -11.76 -3.67 4.68
N THR A 206 -12.39 -4.75 5.16
CA THR A 206 -12.13 -5.23 6.52
C THR A 206 -10.69 -5.73 6.65
N LEU A 207 -10.10 -6.41 5.65
CA LEU A 207 -8.71 -6.79 5.71
C LEU A 207 -7.79 -5.59 5.82
N GLU A 208 -8.00 -4.57 4.96
CA GLU A 208 -7.23 -3.34 4.99
C GLU A 208 -7.31 -2.64 6.34
N ASN A 209 -8.49 -2.53 6.91
CA ASN A 209 -8.65 -1.91 8.20
C ASN A 209 -7.99 -2.65 9.35
N SER A 210 -7.89 -3.98 9.25
CA SER A 210 -7.35 -4.70 10.36
C SER A 210 -5.95 -5.22 10.11
N TRP A 211 -5.20 -4.75 9.10
CA TRP A 211 -3.86 -5.23 8.84
C TRP A 211 -2.96 -5.08 10.07
N GLY A 212 -2.98 -3.92 10.74
CA GLY A 212 -2.16 -3.66 11.91
C GLY A 212 -2.54 -4.52 13.11
N ARG A 213 -3.82 -4.71 13.34
CA ARG A 213 -4.28 -5.51 14.45
C ARG A 213 -4.02 -7.00 14.21
N LEU A 214 -4.10 -7.45 12.95
CA LEU A 214 -3.78 -8.81 12.59
C LEU A 214 -2.30 -9.08 12.79
N SER A 215 -1.43 -8.16 12.40
CA SER A 215 -0.01 -8.28 12.65
C SER A 215 0.33 -8.48 14.14
N THR A 216 -0.26 -7.68 15.02
CA THR A 216 -0.06 -7.82 16.45
C THR A 216 -0.66 -9.12 16.99
N ALA A 217 -1.90 -9.46 16.67
CA ALA A 217 -2.49 -10.70 17.13
C ALA A 217 -1.64 -11.93 16.77
N ILE A 218 -1.10 -11.98 15.53
CA ILE A 218 -0.24 -13.08 15.10
C ILE A 218 1.05 -13.09 15.89
N GLN A 219 1.74 -11.97 16.01
CA GLN A 219 3.00 -11.94 16.72
C GLN A 219 2.88 -12.09 18.23
N GLU A 220 1.72 -11.81 18.82
CA GLU A 220 1.53 -11.99 20.26
C GLU A 220 0.83 -13.32 20.56
N SER A 221 0.73 -14.22 19.60
CA SER A 221 -0.07 -15.39 19.79
C SER A 221 0.63 -16.46 20.60
N ASN A 222 -0.21 -17.28 21.23
CA ASN A 222 0.21 -18.43 21.98
C ASN A 222 0.35 -19.50 20.95
N GLN A 223 1.52 -19.67 20.38
CA GLN A 223 1.81 -20.74 19.42
C GLN A 223 0.88 -20.76 18.19
N GLY A 224 0.35 -19.61 17.81
CA GLY A 224 -0.54 -19.56 16.69
C GLY A 224 -1.94 -19.27 17.14
N ALA A 225 -2.27 -19.57 18.40
CA ALA A 225 -3.60 -19.35 18.95
C ALA A 225 -3.72 -17.92 19.44
N PHE A 226 -4.76 -17.21 19.00
CA PHE A 226 -5.01 -15.85 19.42
C PHE A 226 -5.70 -15.83 20.74
N ALA A 227 -5.34 -14.88 21.61
CA ALA A 227 -6.00 -14.72 22.89
C ALA A 227 -7.40 -14.19 22.70
N SER A 228 -7.58 -13.17 21.85
CA SER A 228 -8.91 -12.70 21.48
C SER A 228 -9.06 -12.88 19.97
N PRO A 229 -10.21 -13.36 19.48
CA PRO A 229 -10.49 -13.51 18.05
C PRO A 229 -10.71 -12.19 17.32
N ILE A 230 -10.41 -12.19 16.02
CA ILE A 230 -10.63 -11.02 15.21
C ILE A 230 -11.76 -11.38 14.26
N GLN A 231 -12.74 -10.48 14.17
CA GLN A 231 -13.85 -10.67 13.29
C GLN A 231 -13.55 -9.97 11.98
N LEU A 232 -13.55 -10.73 10.90
CA LEU A 232 -13.39 -10.16 9.59
C LEU A 232 -14.75 -10.31 8.89
N GLN A 233 -14.85 -10.00 7.59
CA GLN A 233 -16.09 -10.15 6.83
C GLN A 233 -15.80 -10.88 5.54
N ARG A 234 -16.80 -11.63 5.12
CA ARG A 234 -16.78 -12.37 3.88
C ARG A 234 -17.25 -11.40 2.77
N ARG A 235 -17.29 -11.78 1.48
CA ARG A 235 -17.68 -10.85 0.40
C ARG A 235 -19.06 -10.29 0.53
N ASN A 236 -19.97 -11.12 1.02
CA ASN A 236 -21.35 -10.71 1.18
C ASN A 236 -21.57 -10.00 2.51
N GLY A 237 -20.52 -9.67 3.26
CA GLY A 237 -20.71 -8.94 4.51
C GLY A 237 -20.94 -9.84 5.73
N SER A 238 -21.06 -11.17 5.64
CA SER A 238 -21.16 -11.99 6.85
C SER A 238 -19.85 -11.89 7.62
N LYS A 239 -19.98 -11.65 8.90
CA LYS A 239 -18.85 -11.55 9.81
C LYS A 239 -18.28 -12.94 10.09
N PHE A 240 -16.99 -13.12 10.37
CA PHE A 240 -16.53 -14.42 10.82
C PHE A 240 -15.33 -14.26 11.69
N SER A 241 -15.13 -15.17 12.62
CA SER A 241 -14.02 -15.03 13.53
C SER A 241 -12.81 -15.88 13.17
N VAL A 242 -11.65 -15.26 13.38
CA VAL A 242 -10.35 -15.88 13.18
C VAL A 242 -9.85 -16.14 14.60
N TYR A 243 -9.47 -17.37 14.92
CA TYR A 243 -8.94 -17.77 16.22
C TYR A 243 -7.47 -18.15 16.13
N ASP A 244 -6.98 -18.37 14.92
CA ASP A 244 -5.68 -18.93 14.73
C ASP A 244 -5.03 -18.27 13.55
N VAL A 245 -3.69 -18.22 13.55
CA VAL A 245 -2.94 -17.77 12.40
C VAL A 245 -3.09 -18.71 11.20
N SER A 246 -3.49 -19.98 11.33
CA SER A 246 -3.42 -20.91 10.22
C SER A 246 -4.26 -20.50 9.04
N ILE A 247 -5.47 -19.97 9.26
CA ILE A 247 -6.29 -19.62 8.11
C ILE A 247 -5.89 -18.32 7.44
N LEU A 248 -5.07 -17.49 8.08
CA LEU A 248 -4.60 -16.23 7.56
C LEU A 248 -3.38 -16.44 6.72
N ILE A 249 -2.72 -17.60 6.77
CA ILE A 249 -1.47 -17.81 6.05
C ILE A 249 -1.63 -17.68 4.52
N PRO A 250 -2.66 -18.14 3.79
CA PRO A 250 -2.81 -17.86 2.39
C PRO A 250 -3.36 -16.48 2.10
N ILE A 251 -3.69 -15.72 3.15
CA ILE A 251 -4.34 -14.42 3.03
C ILE A 251 -3.41 -13.24 3.30
N ILE A 252 -2.59 -13.21 4.36
CA ILE A 252 -1.71 -12.10 4.59
C ILE A 252 -0.32 -12.43 4.12
N ALA A 253 0.31 -11.55 3.37
CA ALA A 253 1.64 -11.75 2.83
C ALA A 253 2.78 -11.08 3.60
N LEU A 254 2.54 -10.04 4.38
CA LEU A 254 3.57 -9.26 5.08
C LEU A 254 2.91 -8.69 6.30
N MET A 255 3.65 -8.61 7.39
CA MET A 255 3.15 -8.06 8.64
C MET A 255 4.03 -6.93 9.10
N VAL A 256 3.49 -5.92 9.74
CA VAL A 256 4.32 -4.84 10.29
C VAL A 256 4.95 -5.38 11.57
N TYR A 257 6.17 -4.96 11.89
CA TYR A 257 6.87 -5.42 13.07
C TYR A 257 6.15 -4.87 14.30
N ARG A 258 5.82 -5.76 15.24
CA ARG A 258 5.17 -5.40 16.49
C ARG A 258 6.02 -5.78 17.69
N CYS A 259 6.68 -6.94 17.70
CA CYS A 259 7.50 -7.35 18.82
C CYS A 259 8.54 -8.32 18.28
N ALA A 260 9.53 -8.67 19.11
CA ALA A 260 10.56 -9.63 18.71
C ALA A 260 10.02 -11.04 18.82
N PRO A 261 10.51 -12.00 18.03
CA PRO A 261 9.99 -13.36 18.04
C PRO A 261 10.35 -14.05 19.36
N PRO A 262 9.44 -14.74 20.07
CA PRO A 262 9.72 -15.43 21.33
C PRO A 262 10.87 -16.42 21.16
N PRO A 263 11.52 -16.87 22.23
CA PRO A 263 12.42 -18.02 22.18
C PRO A 263 11.67 -19.20 21.60
P AMP B . -3.53 5.29 10.82
O1P AMP B . -4.09 6.67 11.04
O2P AMP B . -3.88 4.11 11.70
O3P AMP B . -1.89 5.39 10.84
O5' AMP B . -4.06 4.85 9.37
C5' AMP B . -5.48 4.60 9.24
C4' AMP B . -5.74 3.64 8.08
O4' AMP B . -5.02 4.13 6.92
C3' AMP B . -5.18 2.24 8.39
O3' AMP B . -5.94 1.23 7.66
C2' AMP B . -3.74 2.36 7.84
O2' AMP B . -3.32 1.06 7.45
C1' AMP B . -3.90 3.26 6.61
N9 AMP B . -2.69 4.09 6.38
C8 AMP B . -1.84 4.63 7.32
N7 AMP B . -0.87 5.35 6.80
C5 AMP B . -1.10 5.29 5.43
C6 AMP B . -0.41 5.87 4.31
N6 AMP B . 0.69 6.64 4.41
N1 AMP B . -0.91 5.61 3.08
C2 AMP B . -2.01 4.85 3.01
N3 AMP B . -2.74 4.24 3.96
C4 AMP B . -2.21 4.52 5.17
#